data_6SK9
#
_entry.id   6SK9
#
_cell.length_a   100.02
_cell.length_b   56.89
_cell.length_c   77.94
_cell.angle_alpha   90.0
_cell.angle_beta   132.42
_cell.angle_gamma   90.0
#
_symmetry.space_group_name_H-M   'C 1 2 1'
#
loop_
_entity.id
_entity.type
_entity.pdbx_description
1 polymer 'Serine/threonine-protein kinase Nek2'
2 non-polymer 3-[[6-(cyclohexylmethoxy)-7~{H}-purin-2-yl]amino]-~{N}-[3-(dimethylamino)propyl]benzenesulfonamide
3 non-polymer GLYCEROL
4 water water
#
_entity_poly.entity_id   1
_entity_poly.type   'polypeptide(L)'
_entity_poly.pdbx_seq_one_letter_code
;MPSRAEDYEVLYTIGTGSYGRCQKIRRKSDGKILVWKELDYGSMTEAEKQMLVSEVNLLRELKHPNIVRYYDRIIDRTNT
TLYIVMEYCEGGDLASVITKGTKERQYLDEEFVLRVMTQLTLALKECHRRSDGGHTVLHRDLKPANVFLDGKQNVKLGDF
GLARILNHDTSFAKTFVGTPYYMSPEQMNRMSYNEKSDIWSLGCLLYELCALMPPFTAFSQKELAGKIREGKFRRIPYRY
SDELNEIITRMLNLKDYHRPSVEEILENPLILEHHHHHH
;
_entity_poly.pdbx_strand_id   A
#
loop_
_chem_comp.id
_chem_comp.type
_chem_comp.name
_chem_comp.formula
F9N non-polymer 3-[[6-(cyclohexylmethoxy)-7~{H}-purin-2-yl]amino]-~{N}-[3-(dimethylamino)propyl]benzenesulfonamide 'C23 H33 N7 O3 S'
GOL non-polymer GLYCEROL 'C3 H8 O3'
#
# COMPACT_ATOMS: atom_id res chain seq x y z
N ARG A 4 11.49 14.25 24.09
CA ARG A 4 12.04 13.52 22.96
C ARG A 4 11.62 14.14 21.63
N ALA A 5 10.45 14.77 21.58
CA ALA A 5 10.04 15.49 20.38
C ALA A 5 11.04 16.59 20.03
N GLU A 6 11.70 17.14 21.05
CA GLU A 6 12.70 18.17 20.86
C GLU A 6 13.95 17.65 20.13
N ASP A 7 14.10 16.33 20.06
CA ASP A 7 15.18 15.71 19.29
C ASP A 7 14.99 15.84 17.78
N TYR A 8 13.81 16.29 17.36
CA TYR A 8 13.46 16.37 15.94
C TYR A 8 13.04 17.79 15.54
N GLU A 9 13.32 18.15 14.29
CA GLU A 9 12.83 19.41 13.74
C GLU A 9 11.81 19.12 12.63
N VAL A 10 10.64 19.72 12.74
CA VAL A 10 9.64 19.55 11.69
C VAL A 10 10.06 20.36 10.47
N LEU A 11 10.12 19.71 9.31
CA LEU A 11 10.44 20.41 8.07
C LEU A 11 9.15 21.01 7.49
N TYR A 12 8.15 20.17 7.27
CA TYR A 12 6.82 20.63 6.86
C TYR A 12 5.79 19.53 7.01
N THR A 13 4.53 19.91 6.91
CA THR A 13 3.42 18.95 6.96
C THR A 13 3.21 18.37 5.58
N ILE A 14 3.22 17.05 5.48
CA ILE A 14 3.00 16.38 4.22
C ILE A 14 1.50 16.37 3.91
N GLY A 15 0.71 16.01 4.90
CA GLY A 15 -0.73 15.91 4.73
C GLY A 15 -1.45 15.69 6.03
N THR A 16 -2.78 15.62 5.97
CA THR A 16 -3.60 15.50 7.18
C THR A 16 -4.62 14.36 7.08
N ARG A 21 -2.01 14.93 11.59
CA ARG A 21 -1.02 15.41 10.62
C ARG A 21 0.14 14.43 10.43
N CYS A 22 0.52 14.30 9.17
CA CYS A 22 1.73 13.57 8.79
C CYS A 22 2.80 14.60 8.45
N GLN A 23 3.92 14.56 9.17
CA GLN A 23 4.94 15.59 8.99
C GLN A 23 6.29 15.01 8.65
N LYS A 24 6.98 15.69 7.74
CA LYS A 24 8.36 15.36 7.45
C LYS A 24 9.25 15.99 8.50
N ILE A 25 10.13 15.18 9.08
CA ILE A 25 10.94 15.66 10.19
C ILE A 25 12.41 15.31 9.97
N ARG A 26 13.27 16.02 10.68
CA ARG A 26 14.69 15.74 10.63
C ARG A 26 15.20 15.51 12.04
N ARG A 27 15.86 14.38 12.26
CA ARG A 27 16.45 14.05 13.54
C ARG A 27 17.74 14.85 13.73
N LYS A 28 17.83 15.53 14.87
CA LYS A 28 18.94 16.46 15.10
C LYS A 28 20.28 15.75 15.25
N SER A 29 20.27 14.58 15.86
CA SER A 29 21.50 13.86 16.18
C SER A 29 22.32 13.48 14.95
N ASP A 30 21.69 13.24 13.80
CA ASP A 30 22.42 12.84 12.61
C ASP A 30 21.83 13.33 11.28
N GLY A 31 20.80 14.17 11.34
CA GLY A 31 20.19 14.72 10.15
C GLY A 31 19.26 13.79 9.38
N LYS A 32 18.99 12.62 9.95
CA LYS A 32 18.16 11.62 9.30
C LYS A 32 16.73 12.10 9.05
N ILE A 33 16.28 11.98 7.81
CA ILE A 33 14.93 12.38 7.42
C ILE A 33 13.94 11.27 7.69
N LEU A 34 12.86 11.63 8.37
CA LEU A 34 11.82 10.70 8.80
C LEU A 34 10.48 11.36 8.61
N VAL A 35 9.41 10.69 9.01
CA VAL A 35 8.15 11.36 9.21
C VAL A 35 7.62 10.97 10.57
N TRP A 36 6.67 11.73 11.08
CA TRP A 36 5.85 11.22 12.16
C TRP A 36 4.38 11.50 11.93
N LYS A 37 3.55 10.68 12.54
CA LYS A 37 2.11 10.88 12.54
C LYS A 37 1.71 11.35 13.93
N GLU A 38 1.08 12.51 14.02
CA GLU A 38 0.72 13.04 15.34
C GLU A 38 -0.72 12.70 15.68
N LEU A 39 -0.87 11.87 16.71
CA LEU A 39 -2.16 11.39 17.17
C LEU A 39 -2.56 12.15 18.44
N ASP A 40 -3.77 12.69 18.46
CA ASP A 40 -4.28 13.41 19.61
C ASP A 40 -5.08 12.46 20.50
N TYR A 41 -4.46 11.99 21.58
CA TYR A 41 -5.14 11.07 22.47
C TYR A 41 -5.90 11.80 23.59
N GLY A 42 -6.05 13.10 23.41
CA GLY A 42 -6.71 13.95 24.39
C GLY A 42 -8.13 13.58 24.76
N SER A 43 -8.78 12.77 23.92
CA SER A 43 -10.14 12.33 24.21
C SER A 43 -10.22 10.82 24.38
N MET A 44 -9.13 10.14 24.03
CA MET A 44 -9.06 8.69 24.18
C MET A 44 -9.13 8.32 25.67
N THR A 45 -10.18 7.59 26.03
CA THR A 45 -10.38 7.14 27.40
C THR A 45 -9.26 6.21 27.86
N GLU A 46 -9.21 5.95 29.16
CA GLU A 46 -8.18 5.09 29.74
C GLU A 46 -8.27 3.67 29.17
N ALA A 47 -9.50 3.24 28.87
CA ALA A 47 -9.73 1.91 28.34
C ALA A 47 -9.17 1.74 26.93
N GLU A 48 -9.29 2.78 26.12
CA GLU A 48 -8.80 2.71 24.74
C GLU A 48 -7.27 2.67 24.66
N LYS A 49 -6.62 3.57 25.41
CA LYS A 49 -5.16 3.75 25.34
C LYS A 49 -4.36 2.45 25.42
N GLN A 50 -4.98 1.39 25.95
CA GLN A 50 -4.39 0.06 25.91
C GLN A 50 -4.47 -0.52 24.50
N MET A 51 -5.63 -0.33 23.85
CA MET A 51 -5.81 -0.80 22.48
C MET A 51 -4.91 -0.03 21.52
N LEU A 52 -4.52 1.18 21.92
CA LEU A 52 -3.64 2.01 21.11
C LEU A 52 -2.18 1.55 21.23
N VAL A 53 -1.73 1.31 22.45
CA VAL A 53 -0.34 0.93 22.71
C VAL A 53 0.02 -0.43 22.09
N SER A 54 -0.87 -1.40 22.24
CA SER A 54 -0.64 -2.73 21.68
C SER A 54 -0.60 -2.68 20.16
N GLU A 55 -1.43 -1.80 19.59
CA GLU A 55 -1.49 -1.64 18.15
C GLU A 55 -0.18 -1.11 17.58
N VAL A 56 0.42 -0.14 18.27
CA VAL A 56 1.67 0.46 17.83
C VAL A 56 2.86 -0.50 18.00
N ASN A 57 2.79 -1.32 19.05
CA ASN A 57 3.85 -2.28 19.34
C ASN A 57 3.89 -3.44 18.34
N LEU A 58 2.74 -3.75 17.75
CA LEU A 58 2.65 -4.78 16.71
C LEU A 58 3.06 -4.18 15.36
N LEU A 59 2.90 -2.86 15.24
CA LEU A 59 3.39 -2.13 14.07
C LEU A 59 4.91 -2.11 14.12
N ARG A 60 5.44 -2.25 15.33
CA ARG A 60 6.88 -2.28 15.57
C ARG A 60 7.48 -3.66 15.33
N GLU A 61 6.68 -4.58 14.80
CA GLU A 61 7.12 -5.96 14.57
C GLU A 61 7.74 -6.16 13.20
N LEU A 62 7.24 -5.47 12.19
CA LEU A 62 7.61 -5.77 10.82
C LEU A 62 8.85 -5.02 10.34
N LYS A 63 9.98 -5.73 10.32
CA LYS A 63 11.17 -5.27 9.63
C LYS A 63 11.24 -5.97 8.27
N HIS A 64 11.07 -5.21 7.20
CA HIS A 64 11.05 -5.77 5.85
C HIS A 64 11.27 -4.64 4.86
N PRO A 65 12.12 -4.86 3.85
CA PRO A 65 12.45 -3.76 2.96
C PRO A 65 11.24 -3.24 2.14
N ASN A 66 10.18 -4.03 1.96
CA ASN A 66 9.00 -3.52 1.22
C ASN A 66 7.85 -3.12 2.13
N ILE A 67 8.15 -2.95 3.42
CA ILE A 67 7.16 -2.46 4.37
C ILE A 67 7.73 -1.22 5.05
N VAL A 68 6.92 -0.15 5.10
CA VAL A 68 7.36 1.09 5.72
C VAL A 68 7.81 0.80 7.14
N ARG A 69 9.04 1.20 7.45
CA ARG A 69 9.67 0.85 8.72
C ARG A 69 9.24 1.76 9.87
N TYR A 70 8.94 1.15 11.02
CA TYR A 70 8.67 1.89 12.25
C TYR A 70 9.97 2.17 13.00
N TYR A 71 10.14 3.39 13.52
CA TYR A 71 11.38 3.73 14.21
C TYR A 71 11.19 3.98 15.70
N ASP A 72 10.12 4.68 16.06
CA ASP A 72 9.97 5.16 17.44
C ASP A 72 8.57 5.68 17.71
N ARG A 73 8.26 5.86 18.98
CA ARG A 73 7.01 6.46 19.41
C ARG A 73 7.34 7.53 20.45
N ILE A 74 6.68 8.67 20.38
CA ILE A 74 6.99 9.81 21.22
C ILE A 74 5.73 10.39 21.86
N ILE A 75 5.76 10.61 23.17
CA ILE A 75 4.63 11.21 23.87
C ILE A 75 4.95 12.60 24.40
N ASP A 76 4.04 13.54 24.15
CA ASP A 76 4.12 14.87 24.76
C ASP A 76 2.82 15.18 25.48
N ARG A 77 2.80 14.95 26.79
CA ARG A 77 1.61 15.15 27.59
C ARG A 77 1.18 16.62 27.65
N THR A 78 2.08 17.49 27.22
CA THR A 78 1.76 18.91 27.05
C THR A 78 0.56 19.09 26.14
N ASN A 79 0.66 18.54 24.92
CA ASN A 79 -0.42 18.65 23.96
C ASN A 79 -1.23 17.36 23.88
N THR A 80 -0.97 16.44 24.80
CA THR A 80 -1.59 15.11 24.80
C THR A 80 -1.49 14.51 23.41
N THR A 81 -0.27 14.49 22.90
CA THR A 81 -0.01 14.10 21.52
C THR A 81 1.01 12.97 21.46
N LEU A 82 0.64 11.91 20.75
CA LEU A 82 1.54 10.81 20.47
C LEU A 82 2.08 10.97 19.05
N TYR A 83 3.39 10.81 18.89
CA TYR A 83 4.02 10.88 17.59
C TYR A 83 4.56 9.52 17.25
N ILE A 84 4.12 8.96 16.12
CA ILE A 84 4.69 7.71 15.65
C ILE A 84 5.69 8.04 14.57
N VAL A 85 6.95 7.69 14.80
CA VAL A 85 8.01 8.03 13.89
C VAL A 85 8.28 6.86 12.96
N MET A 86 8.31 7.14 11.65
CA MET A 86 8.55 6.08 10.69
C MET A 86 9.37 6.58 9.52
N GLU A 87 9.76 5.63 8.69
CA GLU A 87 10.54 5.85 7.47
C GLU A 87 9.87 6.87 6.55
N TYR A 88 10.63 7.81 6.00
CA TYR A 88 10.12 8.69 4.95
C TYR A 88 10.29 8.06 3.57
N CYS A 89 9.25 8.09 2.75
CA CYS A 89 9.37 7.52 1.40
C CYS A 89 9.42 8.63 0.38
N GLU A 90 10.60 8.89 -0.18
CA GLU A 90 10.79 10.10 -0.97
C GLU A 90 9.95 10.17 -2.26
N GLY A 91 9.51 9.03 -2.77
CA GLY A 91 8.81 9.03 -4.03
C GLY A 91 7.31 9.27 -3.96
N GLY A 92 6.77 9.49 -2.76
CA GLY A 92 5.34 9.71 -2.65
C GLY A 92 4.54 8.43 -2.84
N ASP A 93 3.23 8.56 -3.00
CA ASP A 93 2.36 7.39 -3.04
C ASP A 93 1.99 6.98 -4.47
N LEU A 94 1.48 5.76 -4.64
CA LEU A 94 1.11 5.28 -5.98
C LEU A 94 -0.08 6.05 -6.54
N ALA A 95 -0.93 6.57 -5.65
CA ALA A 95 -2.11 7.30 -6.10
C ALA A 95 -1.67 8.49 -6.94
N SER A 96 -0.63 9.19 -6.49
CA SER A 96 -0.10 10.33 -7.23
C SER A 96 0.53 9.90 -8.56
N VAL A 97 1.12 8.71 -8.57
CA VAL A 97 1.67 8.17 -9.81
C VAL A 97 0.52 7.90 -10.81
N ILE A 98 -0.58 7.33 -10.32
CA ILE A 98 -1.74 7.05 -11.17
C ILE A 98 -2.35 8.36 -11.68
N THR A 99 -2.43 9.35 -10.79
CA THR A 99 -2.94 10.68 -11.13
C THR A 99 -2.10 11.34 -12.23
N LYS A 100 -0.79 11.34 -12.02
CA LYS A 100 0.17 11.87 -12.98
C LYS A 100 -0.01 11.23 -14.36
N GLY A 101 -0.17 9.92 -14.37
CA GLY A 101 -0.36 9.19 -15.62
C GLY A 101 -1.61 9.60 -16.36
N THR A 102 -2.72 9.73 -15.62
CA THR A 102 -4.00 10.15 -16.17
C THR A 102 -3.92 11.55 -16.75
N LYS A 103 -3.40 12.47 -15.96
CA LYS A 103 -3.30 13.87 -16.36
C LYS A 103 -2.38 14.05 -17.56
N GLU A 104 -1.28 13.28 -17.61
CA GLU A 104 -0.34 13.39 -18.72
C GLU A 104 -0.68 12.43 -19.86
N ARG A 105 -1.81 11.73 -19.73
CA ARG A 105 -2.27 10.79 -20.75
C ARG A 105 -1.15 9.82 -21.16
N GLN A 106 -0.53 9.18 -20.15
CA GLN A 106 0.63 8.32 -20.39
C GLN A 106 0.60 7.08 -19.51
N TYR A 107 0.50 5.90 -20.14
CA TYR A 107 0.46 4.63 -19.42
C TYR A 107 1.80 4.30 -18.75
N LEU A 108 1.76 3.65 -17.58
CA LEU A 108 2.98 3.24 -16.88
C LEU A 108 3.72 2.08 -17.57
N ASP A 109 5.04 2.06 -17.48
CA ASP A 109 5.85 0.97 -18.06
C ASP A 109 5.50 -0.39 -17.48
N GLU A 110 5.44 -1.42 -18.32
CA GLU A 110 5.19 -2.76 -17.78
C GLU A 110 6.26 -3.14 -16.71
N GLU A 111 7.52 -2.76 -16.94
CA GLU A 111 8.56 -3.02 -15.94
C GLU A 111 8.23 -2.43 -14.56
N PHE A 112 7.67 -1.23 -14.53
CA PHE A 112 7.28 -0.62 -13.25
C PHE A 112 6.13 -1.40 -12.60
N VAL A 113 5.15 -1.82 -13.39
CA VAL A 113 4.04 -2.62 -12.87
C VAL A 113 4.53 -3.96 -12.29
N LEU A 114 5.50 -4.60 -12.97
CA LEU A 114 6.11 -5.83 -12.48
C LEU A 114 6.88 -5.61 -11.17
N ARG A 115 7.55 -4.47 -11.03
CA ARG A 115 8.20 -4.13 -9.75
C ARG A 115 7.20 -4.04 -8.63
N VAL A 116 6.07 -3.37 -8.89
CA VAL A 116 5.06 -3.22 -7.86
C VAL A 116 4.49 -4.59 -7.51
N MET A 117 4.22 -5.39 -8.54
CA MET A 117 3.64 -6.70 -8.29
C MET A 117 4.56 -7.56 -7.43
N THR A 118 5.82 -7.61 -7.84
CA THR A 118 6.83 -8.41 -7.12
C THR A 118 7.01 -7.95 -5.67
N GLN A 119 7.24 -6.66 -5.47
CA GLN A 119 7.57 -6.19 -4.12
C GLN A 119 6.36 -6.15 -3.19
N LEU A 120 5.17 -5.83 -3.70
CA LEU A 120 3.98 -5.89 -2.85
C LEU A 120 3.58 -7.30 -2.51
N THR A 121 3.83 -8.24 -3.42
CA THR A 121 3.57 -9.65 -3.11
C THR A 121 4.48 -10.13 -1.99
N LEU A 122 5.74 -9.70 -2.03
CA LEU A 122 6.67 -10.02 -0.95
C LEU A 122 6.27 -9.35 0.37
N ALA A 123 5.80 -8.10 0.32
CA ALA A 123 5.27 -7.46 1.53
C ALA A 123 4.13 -8.27 2.12
N LEU A 124 3.22 -8.73 1.26
CA LEU A 124 2.06 -9.51 1.72
C LEU A 124 2.52 -10.85 2.27
N LYS A 125 3.46 -11.47 1.58
CA LYS A 125 4.02 -12.74 2.02
C LYS A 125 4.51 -12.60 3.47
N GLU A 126 5.14 -11.46 3.76
CA GLU A 126 5.62 -11.20 5.09
C GLU A 126 4.48 -10.91 6.07
N CYS A 127 3.50 -10.11 5.62
CA CYS A 127 2.33 -9.80 6.44
C CYS A 127 1.54 -11.05 6.81
N HIS A 128 1.45 -12.00 5.88
CA HIS A 128 0.71 -13.22 6.12
C HIS A 128 1.44 -14.10 7.13
N ARG A 129 2.77 -14.05 7.10
CA ARG A 129 3.60 -14.82 8.01
C ARG A 129 3.55 -14.27 9.43
N ARG A 130 3.55 -12.94 9.56
CA ARG A 130 3.53 -12.29 10.87
C ARG A 130 2.14 -11.75 11.23
N LEU A 142 -5.07 -2.31 1.47
CA LEU A 142 -4.20 -2.35 0.29
C LEU A 142 -4.77 -1.52 -0.84
N LYS A 143 -4.21 -0.33 -1.05
CA LYS A 143 -4.74 0.60 -2.03
C LYS A 143 -3.68 1.65 -2.40
N PRO A 144 -3.87 2.37 -3.52
CA PRO A 144 -2.74 3.12 -4.04
C PRO A 144 -2.21 4.19 -3.09
N ALA A 145 -3.10 4.77 -2.28
CA ALA A 145 -2.72 5.83 -1.35
C ALA A 145 -1.91 5.31 -0.16
N ASN A 146 -1.90 3.99 0.01
CA ASN A 146 -1.17 3.33 1.08
C ASN A 146 0.10 2.64 0.57
N VAL A 147 0.43 2.86 -0.69
CA VAL A 147 1.63 2.24 -1.24
C VAL A 147 2.60 3.32 -1.66
N PHE A 148 3.82 3.26 -1.12
CA PHE A 148 4.79 4.34 -1.30
C PHE A 148 5.99 3.87 -2.10
N LEU A 149 6.68 4.82 -2.70
CA LEU A 149 7.92 4.59 -3.43
C LEU A 149 9.06 5.27 -2.69
N ASP A 150 10.23 4.63 -2.64
CA ASP A 150 11.40 5.30 -2.09
C ASP A 150 12.20 5.93 -3.23
N GLY A 151 13.45 6.30 -2.95
CA GLY A 151 14.26 7.00 -3.93
C GLY A 151 14.89 6.14 -5.01
N LYS A 152 14.73 4.82 -4.89
CA LYS A 152 15.45 3.88 -5.75
C LYS A 152 14.53 2.88 -6.41
N GLN A 153 13.34 3.34 -6.76
CA GLN A 153 12.29 2.54 -7.38
C GLN A 153 11.61 1.55 -6.44
N ASN A 154 12.07 1.46 -5.19
CA ASN A 154 11.50 0.43 -4.31
C ASN A 154 10.10 0.78 -3.88
N VAL A 155 9.32 -0.25 -3.63
CA VAL A 155 7.92 -0.13 -3.31
C VAL A 155 7.72 -0.49 -1.83
N LYS A 156 6.97 0.33 -1.10
CA LYS A 156 6.76 0.08 0.32
C LYS A 156 5.29 0.10 0.70
N LEU A 157 4.84 -0.96 1.35
CA LEU A 157 3.50 -1.00 1.91
C LEU A 157 3.42 -0.25 3.25
N GLY A 158 2.52 0.74 3.32
CA GLY A 158 2.31 1.48 4.54
C GLY A 158 1.16 0.91 5.35
N ASP A 159 0.92 1.50 6.52
CA ASP A 159 -0.18 1.09 7.41
C ASP A 159 -0.28 -0.42 7.65
N PHE A 160 0.86 -1.09 7.82
CA PHE A 160 0.87 -2.53 8.06
C PHE A 160 1.89 -2.91 9.13
N GLY A 178 -16.81 7.51 0.02
CA GLY A 178 -15.87 6.44 0.34
C GLY A 178 -16.31 5.12 -0.26
N THR A 179 -16.06 4.95 -1.56
CA THR A 179 -16.53 3.78 -2.29
C THR A 179 -15.44 2.71 -2.44
N PRO A 180 -15.69 1.51 -1.90
CA PRO A 180 -14.68 0.45 -1.75
C PRO A 180 -14.38 -0.30 -3.05
N TYR A 181 -13.69 0.38 -3.96
CA TYR A 181 -13.38 -0.14 -5.29
C TYR A 181 -12.72 -1.52 -5.26
N TYR A 182 -11.99 -1.83 -4.20
CA TYR A 182 -11.15 -3.03 -4.14
C TYR A 182 -11.77 -4.17 -3.35
N MET A 183 -12.97 -3.96 -2.80
CA MET A 183 -13.63 -4.96 -1.99
C MET A 183 -13.82 -6.27 -2.73
N SER A 184 -13.36 -7.38 -2.14
CA SER A 184 -13.45 -8.69 -2.79
C SER A 184 -14.85 -9.25 -2.64
N PRO A 185 -15.25 -10.14 -3.58
CA PRO A 185 -16.63 -10.66 -3.53
C PRO A 185 -16.93 -11.47 -2.26
N GLU A 186 -15.94 -12.18 -1.73
CA GLU A 186 -16.17 -12.94 -0.51
C GLU A 186 -16.32 -12.03 0.71
N GLN A 187 -15.54 -10.94 0.74
CA GLN A 187 -15.65 -9.98 1.83
C GLN A 187 -16.99 -9.26 1.77
N MET A 188 -17.56 -9.16 0.58
CA MET A 188 -18.81 -8.43 0.44
C MET A 188 -20.02 -9.37 0.49
N ASN A 189 -19.77 -10.68 0.44
CA ASN A 189 -20.83 -11.66 0.58
C ASN A 189 -20.64 -12.52 1.82
N ASN A 194 -9.08 -14.08 5.15
CA ASN A 194 -8.80 -14.82 3.91
C ASN A 194 -7.64 -14.20 3.13
N GLU A 195 -6.50 -14.90 3.10
CA GLU A 195 -5.32 -14.40 2.39
C GLU A 195 -5.56 -14.18 0.88
N LYS A 196 -6.47 -14.93 0.29
CA LYS A 196 -6.78 -14.75 -1.13
C LYS A 196 -7.56 -13.46 -1.38
N SER A 197 -8.12 -12.88 -0.33
CA SER A 197 -8.76 -11.56 -0.45
C SER A 197 -7.73 -10.47 -0.70
N ASP A 198 -6.56 -10.59 -0.06
CA ASP A 198 -5.45 -9.69 -0.33
C ASP A 198 -4.99 -9.79 -1.78
N ILE A 199 -5.00 -11.00 -2.35
CA ILE A 199 -4.64 -11.21 -3.74
C ILE A 199 -5.62 -10.50 -4.70
N TRP A 200 -6.91 -10.61 -4.42
CA TRP A 200 -7.92 -9.84 -5.16
C TRP A 200 -7.59 -8.34 -5.15
N SER A 201 -7.33 -7.81 -3.96
CA SER A 201 -7.02 -6.40 -3.80
C SER A 201 -5.74 -6.00 -4.54
N LEU A 202 -4.71 -6.85 -4.50
CA LEU A 202 -3.50 -6.60 -5.29
C LEU A 202 -3.81 -6.61 -6.78
N GLY A 203 -4.65 -7.55 -7.20
CA GLY A 203 -5.12 -7.59 -8.57
C GLY A 203 -5.74 -6.26 -8.99
N CYS A 204 -6.60 -5.72 -8.14
CA CYS A 204 -7.27 -4.43 -8.42
C CYS A 204 -6.30 -3.28 -8.53
N LEU A 205 -5.28 -3.29 -7.67
CA LEU A 205 -4.30 -2.22 -7.65
C LEU A 205 -3.44 -2.29 -8.90
N LEU A 206 -2.98 -3.49 -9.26
CA LEU A 206 -2.16 -3.65 -10.45
C LEU A 206 -2.96 -3.34 -11.70
N TYR A 207 -4.23 -3.71 -11.69
CA TYR A 207 -5.09 -3.36 -12.84
C TYR A 207 -5.15 -1.84 -12.99
N GLU A 208 -5.36 -1.16 -11.88
CA GLU A 208 -5.53 0.30 -11.93
C GLU A 208 -4.22 0.97 -12.31
N LEU A 209 -3.08 0.37 -11.94
CA LEU A 209 -1.80 0.88 -12.41
C LEU A 209 -1.67 0.77 -13.93
N CYS A 210 -2.15 -0.33 -14.50
CA CYS A 210 -2.13 -0.51 -15.95
C CYS A 210 -3.18 0.34 -16.70
N ALA A 211 -4.41 0.31 -16.22
CA ALA A 211 -5.52 0.92 -16.97
C ALA A 211 -5.74 2.39 -16.58
N LEU A 212 -5.14 2.78 -15.44
CA LEU A 212 -5.30 4.10 -14.82
C LEU A 212 -6.75 4.29 -14.37
N MET A 213 -7.45 3.18 -14.22
CA MET A 213 -8.77 3.16 -13.64
C MET A 213 -8.95 1.79 -13.02
N PRO A 214 -9.76 1.68 -11.96
CA PRO A 214 -10.06 0.40 -11.33
C PRO A 214 -10.89 -0.50 -12.26
N PRO A 215 -10.88 -1.82 -12.00
CA PRO A 215 -11.53 -2.78 -12.91
C PRO A 215 -13.04 -2.71 -12.81
N PHE A 216 -13.54 -2.30 -11.66
CA PHE A 216 -14.99 -2.17 -11.46
C PHE A 216 -15.30 -0.75 -10.99
N THR A 217 -16.12 -0.04 -11.76
CA THR A 217 -16.49 1.33 -11.42
C THR A 217 -18.01 1.48 -11.45
N ALA A 218 -18.52 2.36 -10.59
CA ALA A 218 -19.96 2.59 -10.54
C ALA A 218 -20.24 3.88 -9.80
N PHE A 219 -21.46 4.41 -9.95
CA PHE A 219 -21.85 5.65 -9.31
C PHE A 219 -22.45 5.40 -7.93
N SER A 220 -22.87 4.16 -7.68
CA SER A 220 -23.33 3.79 -6.35
C SER A 220 -22.71 2.47 -5.87
N GLN A 221 -22.83 2.20 -4.58
CA GLN A 221 -22.22 1.03 -4.00
C GLN A 221 -22.94 -0.24 -4.39
N LYS A 222 -24.26 -0.17 -4.50
CA LYS A 222 -25.06 -1.32 -4.88
C LYS A 222 -24.73 -1.71 -6.30
N GLU A 223 -24.47 -0.71 -7.15
CA GLU A 223 -24.14 -1.00 -8.54
C GLU A 223 -22.74 -1.58 -8.59
N LEU A 224 -21.84 -0.99 -7.82
CA LEU A 224 -20.48 -1.51 -7.69
C LEU A 224 -20.51 -2.99 -7.30
N ALA A 225 -21.35 -3.34 -6.33
CA ALA A 225 -21.43 -4.71 -5.84
C ALA A 225 -21.89 -5.65 -6.94
N GLY A 226 -22.89 -5.21 -7.70
CA GLY A 226 -23.35 -5.94 -8.86
C GLY A 226 -22.20 -6.26 -9.81
N LYS A 227 -21.44 -5.25 -10.19
CA LYS A 227 -20.32 -5.43 -11.12
C LYS A 227 -19.23 -6.36 -10.58
N ILE A 228 -18.84 -6.17 -9.33
CA ILE A 228 -17.87 -7.05 -8.68
C ILE A 228 -18.33 -8.51 -8.68
N ARG A 229 -19.62 -8.75 -8.44
CA ARG A 229 -20.10 -10.12 -8.37
C ARG A 229 -20.10 -10.80 -9.73
N GLU A 230 -20.28 -10.01 -10.79
CA GLU A 230 -20.26 -10.54 -12.15
C GLU A 230 -18.82 -10.82 -12.63
N GLY A 231 -17.85 -10.07 -12.11
CA GLY A 231 -16.45 -10.41 -12.31
C GLY A 231 -15.92 -10.14 -13.71
N LYS A 232 -16.57 -9.22 -14.41
CA LYS A 232 -16.22 -8.85 -15.78
C LYS A 232 -15.56 -7.48 -15.78
N PHE A 233 -14.55 -7.31 -16.63
CA PHE A 233 -13.80 -6.07 -16.69
C PHE A 233 -13.10 -6.07 -18.04
N ARG A 234 -12.69 -4.89 -18.50
CA ARG A 234 -11.96 -4.78 -19.74
C ARG A 234 -10.56 -5.33 -19.59
N ARG A 235 -9.99 -5.82 -20.68
CA ARG A 235 -8.57 -6.18 -20.68
C ARG A 235 -7.77 -4.95 -20.28
N ILE A 236 -6.63 -5.12 -19.62
CA ILE A 236 -5.72 -3.99 -19.45
C ILE A 236 -5.25 -3.59 -20.84
N PRO A 237 -4.76 -2.36 -20.99
CA PRO A 237 -4.41 -1.86 -22.32
C PRO A 237 -3.51 -2.81 -23.10
N TYR A 238 -3.61 -2.78 -24.44
CA TYR A 238 -2.88 -3.74 -25.26
C TYR A 238 -1.37 -3.55 -25.29
N ARG A 239 -0.87 -2.41 -24.82
CA ARG A 239 0.58 -2.29 -24.74
C ARG A 239 1.16 -3.26 -23.70
N TYR A 240 0.31 -3.79 -22.82
CA TYR A 240 0.74 -4.76 -21.83
C TYR A 240 0.61 -6.19 -22.37
N SER A 241 1.58 -7.03 -22.00
CA SER A 241 1.71 -8.39 -22.55
C SER A 241 0.57 -9.26 -22.08
N ASP A 242 0.28 -10.30 -22.86
CA ASP A 242 -0.72 -11.29 -22.51
C ASP A 242 -0.40 -11.94 -21.18
N GLU A 243 0.89 -12.15 -20.96
CA GLU A 243 1.34 -12.75 -19.70
C GLU A 243 0.98 -11.86 -18.51
N LEU A 244 1.24 -10.56 -18.60
CA LEU A 244 0.88 -9.69 -17.47
C LEU A 244 -0.66 -9.63 -17.32
N ASN A 245 -1.37 -9.51 -18.43
CA ASN A 245 -2.82 -9.53 -18.36
C ASN A 245 -3.35 -10.80 -17.70
N GLU A 246 -2.74 -11.93 -18.04
CA GLU A 246 -3.20 -13.21 -17.50
C GLU A 246 -3.07 -13.31 -15.98
N ILE A 247 -1.94 -12.85 -15.42
CA ILE A 247 -1.78 -13.00 -13.97
C ILE A 247 -2.69 -12.04 -13.20
N ILE A 248 -2.85 -10.82 -13.69
CA ILE A 248 -3.74 -9.87 -13.04
C ILE A 248 -5.16 -10.41 -13.10
N THR A 249 -5.53 -10.96 -14.25
CA THR A 249 -6.84 -11.57 -14.42
C THR A 249 -7.05 -12.75 -13.47
N ARG A 250 -6.02 -13.60 -13.29
CA ARG A 250 -6.13 -14.70 -12.32
C ARG A 250 -6.34 -14.19 -10.89
N MET A 251 -5.66 -13.11 -10.53
CA MET A 251 -5.86 -12.50 -9.21
C MET A 251 -7.29 -12.01 -9.03
N LEU A 252 -7.93 -11.66 -10.14
CA LEU A 252 -9.31 -11.14 -10.09
C LEU A 252 -10.34 -12.24 -10.35
N ASN A 253 -9.98 -13.50 -10.14
CA ASN A 253 -10.96 -14.57 -10.26
C ASN A 253 -12.03 -14.42 -9.19
N LEU A 254 -13.27 -14.71 -9.54
CA LEU A 254 -14.37 -14.63 -8.59
C LEU A 254 -14.19 -15.60 -7.45
N LYS A 255 -13.62 -16.77 -7.76
CA LYS A 255 -13.36 -17.80 -6.74
C LYS A 255 -11.98 -17.63 -6.12
N ASP A 256 -11.94 -17.45 -4.80
CA ASP A 256 -10.68 -17.26 -4.11
C ASP A 256 -9.71 -18.44 -4.34
N TYR A 257 -10.23 -19.67 -4.41
CA TYR A 257 -9.33 -20.81 -4.57
C TYR A 257 -8.74 -20.93 -5.99
N HIS A 258 -9.22 -20.11 -6.93
CA HIS A 258 -8.59 -20.02 -8.26
C HIS A 258 -7.59 -18.87 -8.41
N ARG A 259 -7.52 -17.98 -7.42
CA ARG A 259 -6.50 -16.95 -7.44
C ARG A 259 -5.16 -17.52 -7.04
N PRO A 260 -4.06 -17.03 -7.65
CA PRO A 260 -2.75 -17.57 -7.27
C PRO A 260 -2.35 -17.19 -5.84
N SER A 261 -1.58 -18.04 -5.18
CA SER A 261 -0.99 -17.70 -3.89
C SER A 261 0.18 -16.75 -4.11
N VAL A 262 0.74 -16.18 -3.04
CA VAL A 262 1.94 -15.35 -3.21
C VAL A 262 3.06 -16.18 -3.84
N GLU A 263 3.18 -17.44 -3.43
CA GLU A 263 4.24 -18.28 -3.97
C GLU A 263 4.05 -18.54 -5.46
N GLU A 264 2.81 -18.79 -5.87
CA GLU A 264 2.53 -19.00 -7.28
C GLU A 264 2.74 -17.72 -8.10
N ILE A 265 2.44 -16.57 -7.51
CA ILE A 265 2.72 -15.32 -8.21
C ILE A 265 4.22 -15.17 -8.45
N LEU A 266 5.03 -15.35 -7.40
CA LEU A 266 6.48 -15.15 -7.52
C LEU A 266 7.17 -16.15 -8.45
N GLU A 267 6.53 -17.30 -8.67
CA GLU A 267 7.04 -18.31 -9.62
C GLU A 267 6.80 -17.96 -11.09
N ASN A 268 6.02 -16.91 -11.33
CA ASN A 268 5.72 -16.51 -12.70
C ASN A 268 7.00 -16.08 -13.43
N PRO A 269 7.15 -16.52 -14.70
CA PRO A 269 8.37 -16.24 -15.45
C PRO A 269 8.57 -14.76 -15.75
N LEU A 270 7.50 -13.96 -15.62
CA LEU A 270 7.61 -12.49 -15.72
C LEU A 270 8.50 -11.87 -14.65
N ILE A 271 8.49 -12.47 -13.47
CA ILE A 271 9.15 -11.88 -12.29
C ILE A 271 10.63 -12.29 -12.19
N LEU A 272 11.49 -11.28 -12.29
CA LEU A 272 12.94 -11.43 -12.37
C LEU A 272 13.63 -10.70 -11.20
N GLU A 273 14.93 -10.90 -11.09
CA GLU A 273 15.70 -10.33 -9.99
C GLU A 273 15.62 -8.80 -9.96
N HIS A 274 15.74 -8.15 -11.10
CA HIS A 274 15.76 -6.69 -11.14
C HIS A 274 14.40 -6.09 -10.74
N HIS A 275 13.34 -6.89 -10.66
CA HIS A 275 12.03 -6.39 -10.19
C HIS A 275 11.96 -6.31 -8.66
N HIS A 276 12.94 -6.92 -7.99
CA HIS A 276 12.98 -6.93 -6.53
C HIS A 276 13.58 -5.64 -5.97
N HIS A 277 13.45 -5.48 -4.65
CA HIS A 277 14.06 -4.37 -3.92
CA HIS A 277 14.06 -4.36 -3.93
C HIS A 277 15.58 -4.34 -4.09
N HIS A 278 16.16 -3.14 -4.12
CA HIS A 278 17.62 -3.01 -4.10
C HIS A 278 17.97 -1.79 -3.28
N HIS A 279 18.91 -1.96 -2.35
CA HIS A 279 19.39 -0.85 -1.55
C HIS A 279 20.20 0.09 -2.44
C13 F9N B . -0.82 9.75 3.81
C15 F9N B . -2.90 11.18 4.43
C17 F9N B . -0.58 12.15 3.89
C20 F9N B . 5.19 7.03 6.01
C22 F9N B . 5.81 8.26 4.34
C24 F9N B . 6.58 12.24 -0.15
C26 F9N B . 4.64 13.04 -1.42
C28 F9N B . -0.44 13.50 -1.62
O01 F9N B . 1.75 11.69 -2.55
S02 F9N B . 1.85 12.00 -1.16
C03 F9N B . 3.73 12.18 -0.77
C04 F9N B . 4.38 11.39 0.19
C05 F9N B . 5.76 11.34 0.56
N06 F9N B . 6.33 10.50 1.55
C07 F9N B . 5.71 9.82 2.61
N08 F9N B . 4.36 10.12 2.91
C09 F9N B . 3.72 9.49 3.90
O10 F9N B . 2.41 9.71 4.25
C11 F9N B . 1.59 10.72 3.65
C12 F9N B . 0.14 10.86 4.26
C14 F9N B . -2.23 9.79 4.45
C16 F9N B . -1.89 12.32 4.68
C18 F9N B . 4.47 8.55 4.61
N19 F9N B . 4.04 7.74 5.71
N21 F9N B . 6.25 7.27 5.25
N23 F9N B . 6.45 8.93 3.29
C25 F9N B . 6.00 13.08 -1.12
N27 F9N B . 0.88 13.32 -0.92
C29 F9N B . -1.77 12.95 -0.98
C30 F9N B . -2.04 11.42 -1.10
N31 F9N B . -2.65 10.94 -2.45
C32 F9N B . -3.92 10.18 -2.25
C33 F9N B . -3.03 12.08 -3.35
O34 F9N B . 1.25 10.94 -0.40
C1 GOL C . -4.23 -9.29 -27.02
O1 GOL C . -3.00 -9.01 -27.65
C2 GOL C . -4.37 -10.80 -26.96
O2 GOL C . -5.72 -11.19 -26.81
C3 GOL C . -3.75 -11.40 -28.22
O3 GOL C . -2.35 -11.33 -28.07
#